data_2EWE
#
_entry.id   2EWE
#
_cell.length_a   72.140
_cell.length_b   78.320
_cell.length_c   94.430
_cell.angle_alpha   90.00
_cell.angle_beta   90.00
_cell.angle_gamma   90.00
#
_symmetry.space_group_name_H-M   'P 21 21 21'
#
loop_
_entity.id
_entity.type
_entity.pdbx_description
1 polymer 'Pectate lyase C'
2 branched 'alpha-D-galactopyranuronic acid-(1-4)-alpha-D-galactopyranuronic acid-(1-4)-alpha-D-galactopyranuronic acid-(1-4)-alpha-D-galactopyranuronic acid'
3 non-polymer 'CALCIUM ION'
4 water water
#
_entity_poly.entity_id   1
_entity_poly.type   'polypeptide(L)'
_entity_poly.pdbx_seq_one_letter_code
;ATDTGGYAATAGGNVTGAVSKTATSMQDIVNIIDAARLDANGKKVKGGAYPLVITYTGNEDSLINAAAANICGQWSKDPR
GVEIKEFTKGITIIGANGSSANFGIWIKKSSDVVVQNMRIGYLPGGAKDGDMIRVDDSPNVWVDHNELFAANHECDGTPD
NDTTFESAVDIKGASNTVTVSYNYIHGVKKVGLDGSSSSDTGRNITYHHNYYNDVNAKLPLQRGGLVHAYNNLYTNITGS
GLNVRQNGQALIENNWFEKAINPVTSRYDGKNFGTWVLKGNNITKPADFSTYSITWTADTKPYVNADSWTSTGTFPTVAY
NYSPVSAQCVKDKLPGYAGVGKNLATLTSTACK
;
_entity_poly.pdbx_strand_id   A
#
# COMPACT_ATOMS: atom_id res chain seq x y z
N ALA A 1 16.09 0.02 15.64
CA ALA A 1 14.82 0.70 16.04
C ALA A 1 13.68 0.17 15.18
N THR A 2 12.46 0.45 15.62
CA THR A 2 11.27 -0.02 14.95
C THR A 2 10.45 1.11 14.34
N ASP A 3 11.06 2.28 14.24
CA ASP A 3 10.41 3.46 13.68
C ASP A 3 10.10 3.32 12.19
N THR A 4 8.82 3.30 11.86
CA THR A 4 8.40 3.17 10.46
C THR A 4 7.84 4.50 9.94
N GLY A 5 7.71 5.48 10.84
CA GLY A 5 7.14 6.76 10.47
C GLY A 5 5.61 6.66 10.40
N GLY A 6 5.08 5.59 10.99
CA GLY A 6 3.64 5.38 10.99
C GLY A 6 3.18 4.58 12.19
N TYR A 7 1.93 4.11 12.16
CA TYR A 7 1.38 3.33 13.25
C TYR A 7 2.12 2.00 13.52
N ALA A 8 2.72 1.41 12.50
CA ALA A 8 3.47 0.16 12.68
C ALA A 8 4.85 0.43 13.32
N ALA A 9 5.21 -0.38 14.30
CA ALA A 9 6.52 -0.23 14.95
C ALA A 9 7.13 -1.61 14.85
N THR A 10 7.93 -1.84 13.81
CA THR A 10 8.55 -3.14 13.62
C THR A 10 9.87 -3.08 12.88
N ALA A 11 10.73 -4.04 13.19
CA ALA A 11 12.03 -4.17 12.54
C ALA A 11 12.00 -5.39 11.63
N GLY A 12 10.84 -6.05 11.56
CA GLY A 12 10.69 -7.26 10.75
C GLY A 12 11.59 -8.36 11.26
N GLY A 13 12.37 -8.93 10.34
CA GLY A 13 13.29 -10.00 10.70
C GLY A 13 14.63 -9.50 11.18
N ASN A 14 14.90 -8.21 10.99
CA ASN A 14 16.17 -7.64 11.42
C ASN A 14 16.20 -7.39 12.93
N VAL A 15 16.08 -8.49 13.68
CA VAL A 15 16.09 -8.45 15.14
C VAL A 15 17.10 -9.49 15.64
N THR A 16 17.29 -9.54 16.96
CA THR A 16 18.22 -10.49 17.57
C THR A 16 17.82 -11.94 17.31
N GLY A 17 18.80 -12.77 16.98
CA GLY A 17 18.55 -14.18 16.73
C GLY A 17 18.03 -14.51 15.34
N ALA A 18 18.05 -13.52 14.46
CA ALA A 18 17.56 -13.69 13.09
C ALA A 18 18.48 -14.51 12.20
N VAL A 19 17.89 -15.17 11.21
CA VAL A 19 18.65 -15.98 10.26
C VAL A 19 18.44 -15.36 8.89
N SER A 20 19.54 -15.19 8.15
CA SER A 20 19.48 -14.61 6.81
C SER A 20 19.52 -15.66 5.69
N LYS A 21 18.59 -15.55 4.75
CA LYS A 21 18.49 -16.48 3.63
C LYS A 21 18.32 -15.75 2.31
N THR A 22 18.94 -16.26 1.25
CA THR A 22 18.82 -15.66 -0.07
C THR A 22 17.90 -16.54 -0.89
N ALA A 23 16.90 -15.92 -1.52
CA ALA A 23 15.94 -16.62 -2.35
C ALA A 23 16.12 -16.15 -3.78
N THR A 24 16.41 -17.08 -4.68
CA THR A 24 16.60 -16.77 -6.11
C THR A 24 15.30 -16.84 -6.90
N SER A 25 14.22 -17.22 -6.24
CA SER A 25 12.93 -17.35 -6.91
C SER A 25 11.79 -17.40 -5.90
N MET A 26 10.57 -17.44 -6.40
CA MET A 26 9.38 -17.50 -5.56
C MET A 26 9.36 -18.79 -4.74
N GLN A 27 9.64 -19.92 -5.38
CA GLN A 27 9.67 -21.21 -4.70
C GLN A 27 10.70 -21.23 -3.59
N ASP A 28 11.85 -20.59 -3.80
CA ASP A 28 12.89 -20.54 -2.76
C ASP A 28 12.35 -19.79 -1.55
N ILE A 29 11.58 -18.73 -1.80
CA ILE A 29 10.99 -17.96 -0.69
C ILE A 29 10.07 -18.89 0.09
N VAL A 30 9.19 -19.58 -0.65
CA VAL A 30 8.26 -20.52 -0.07
C VAL A 30 8.99 -21.60 0.76
N ASN A 31 10.03 -22.19 0.19
CA ASN A 31 10.80 -23.23 0.87
C ASN A 31 11.56 -22.70 2.08
N ILE A 32 12.07 -21.48 1.97
CA ILE A 32 12.82 -20.85 3.06
C ILE A 32 11.91 -20.60 4.27
N ILE A 33 10.68 -20.16 4.04
CA ILE A 33 9.73 -19.90 5.14
C ILE A 33 9.33 -21.23 5.78
N ASP A 34 9.15 -22.26 4.94
CA ASP A 34 8.78 -23.59 5.41
C ASP A 34 9.84 -24.12 6.34
N ALA A 35 11.08 -24.06 5.88
CA ALA A 35 12.23 -24.53 6.63
C ALA A 35 12.41 -23.74 7.93
N ALA A 36 12.04 -22.47 7.91
CA ALA A 36 12.18 -21.61 9.08
C ALA A 36 11.16 -21.88 10.17
N ARG A 37 10.20 -22.77 9.90
CA ARG A 37 9.19 -23.12 10.90
C ARG A 37 9.61 -24.35 11.70
N LEU A 38 10.70 -24.99 11.31
CA LEU A 38 11.14 -26.21 11.99
C LEU A 38 12.31 -26.01 12.94
N ASP A 39 12.28 -26.72 14.08
CA ASP A 39 13.37 -26.62 15.05
C ASP A 39 14.53 -27.55 14.64
N ALA A 40 15.55 -27.67 15.49
CA ALA A 40 16.71 -28.51 15.21
C ALA A 40 16.33 -29.98 14.96
N ASN A 41 15.18 -30.39 15.49
CA ASN A 41 14.69 -31.75 15.35
C ASN A 41 13.65 -31.94 14.25
N GLY A 42 13.45 -30.91 13.44
CA GLY A 42 12.49 -30.99 12.35
C GLY A 42 11.04 -30.85 12.80
N LYS A 43 10.82 -30.45 14.04
CA LYS A 43 9.46 -30.27 14.52
C LYS A 43 9.04 -28.82 14.36
N LYS A 44 7.78 -28.63 14.00
CA LYS A 44 7.24 -27.31 13.78
C LYS A 44 7.19 -26.48 15.05
N VAL A 45 7.51 -25.20 14.92
CA VAL A 45 7.48 -24.26 16.03
C VAL A 45 6.42 -23.23 15.65
N LYS A 46 5.46 -23.03 16.55
CA LYS A 46 4.38 -22.06 16.32
C LYS A 46 4.90 -20.63 16.14
N GLY A 47 4.45 -20.00 15.06
CA GLY A 47 4.86 -18.63 14.76
C GLY A 47 6.21 -18.56 14.07
N GLY A 48 6.81 -19.72 13.81
CA GLY A 48 8.12 -19.76 13.18
C GLY A 48 9.15 -20.12 14.23
N ALA A 49 10.26 -20.74 13.83
CA ALA A 49 11.28 -21.12 14.79
C ALA A 49 12.22 -19.97 15.20
N TYR A 50 12.39 -18.98 14.32
CA TYR A 50 13.28 -17.84 14.58
C TYR A 50 13.02 -16.70 13.58
N PRO A 51 13.53 -15.47 13.89
CA PRO A 51 13.35 -14.33 12.99
C PRO A 51 14.04 -14.62 11.66
N LEU A 52 13.54 -14.04 10.58
CA LEU A 52 14.07 -14.29 9.25
C LEU A 52 14.21 -13.04 8.39
N VAL A 53 15.30 -12.96 7.65
CA VAL A 53 15.52 -11.86 6.71
C VAL A 53 15.82 -12.53 5.39
N ILE A 54 14.85 -12.49 4.48
CA ILE A 54 15.01 -13.11 3.16
C ILE A 54 15.33 -12.09 2.08
N THR A 55 16.51 -12.21 1.49
CA THR A 55 16.89 -11.35 0.41
C THR A 55 16.53 -12.07 -0.89
N TYR A 56 15.59 -11.51 -1.66
CA TYR A 56 15.14 -12.06 -2.92
C TYR A 56 15.95 -11.51 -4.09
N THR A 57 16.59 -12.38 -4.86
CA THR A 57 17.43 -11.99 -6.00
C THR A 57 16.84 -12.40 -7.35
N GLY A 58 15.66 -12.99 -7.35
CA GLY A 58 15.06 -13.41 -8.59
C GLY A 58 14.60 -12.24 -9.44
N ASN A 59 14.43 -12.51 -10.74
CA ASN A 59 13.98 -11.51 -11.69
C ASN A 59 12.98 -12.18 -12.63
N GLU A 60 11.76 -11.65 -12.65
CA GLU A 60 10.70 -12.18 -13.50
C GLU A 60 10.24 -11.15 -14.50
N ASP A 61 11.17 -10.35 -15.00
CA ASP A 61 10.86 -9.30 -15.97
C ASP A 61 10.14 -9.84 -17.19
N SER A 62 10.58 -10.99 -17.72
CA SER A 62 9.97 -11.56 -18.92
C SER A 62 8.51 -11.87 -18.70
N LEU A 63 8.16 -12.32 -17.49
CA LEU A 63 6.77 -12.62 -17.17
C LEU A 63 6.00 -11.30 -17.02
N ILE A 64 6.63 -10.30 -16.41
CA ILE A 64 6.03 -8.99 -16.22
C ILE A 64 5.81 -8.31 -17.57
N ASN A 65 6.79 -8.42 -18.45
CA ASN A 65 6.76 -7.82 -19.78
C ASN A 65 5.75 -8.46 -20.71
N ALA A 66 5.65 -9.78 -20.67
CA ALA A 66 4.70 -10.49 -21.52
C ALA A 66 3.28 -10.12 -21.07
N ALA A 67 3.08 -10.07 -19.76
CA ALA A 67 1.80 -9.71 -19.18
C ALA A 67 1.38 -8.32 -19.64
N ALA A 68 2.31 -7.36 -19.55
CA ALA A 68 2.05 -5.97 -19.96
C ALA A 68 1.70 -5.89 -21.45
N ALA A 69 2.18 -6.87 -22.23
CA ALA A 69 1.91 -6.93 -23.66
C ALA A 69 0.55 -7.55 -24.03
N ASN A 70 -0.14 -8.10 -23.04
CA ASN A 70 -1.46 -8.70 -23.23
C ASN A 70 -2.17 -8.66 -21.88
N ILE A 71 -2.46 -7.44 -21.40
CA ILE A 71 -3.07 -7.27 -20.09
C ILE A 71 -4.40 -7.97 -19.86
N CYS A 72 -5.25 -8.02 -20.88
CA CYS A 72 -6.57 -8.66 -20.74
C CYS A 72 -6.49 -10.19 -20.63
N GLY A 73 -5.28 -10.74 -20.74
CA GLY A 73 -5.11 -12.18 -20.60
C GLY A 73 -4.77 -12.54 -19.17
N GLN A 74 -4.49 -11.54 -18.35
CA GLN A 74 -4.12 -11.76 -16.95
C GLN A 74 -5.19 -12.18 -15.94
N TRP A 75 -6.35 -11.54 -15.95
CA TRP A 75 -7.41 -11.82 -14.96
C TRP A 75 -7.86 -13.25 -14.72
N SER A 76 -7.84 -14.05 -15.79
CA SER A 76 -8.30 -15.43 -15.72
C SER A 76 -7.22 -16.45 -15.30
N LYS A 77 -5.97 -16.02 -15.26
CA LYS A 77 -4.88 -16.91 -14.87
C LYS A 77 -4.88 -17.18 -13.39
N ASP A 78 -4.08 -18.16 -12.98
CA ASP A 78 -3.96 -18.49 -11.57
C ASP A 78 -3.25 -17.35 -10.86
N PRO A 79 -3.76 -16.95 -9.68
CA PRO A 79 -3.04 -15.87 -8.97
C PRO A 79 -1.76 -16.54 -8.42
N ARG A 80 -0.70 -15.76 -8.23
CA ARG A 80 0.56 -16.26 -7.69
C ARG A 80 0.92 -15.40 -6.48
N GLY A 81 1.21 -16.02 -5.36
CA GLY A 81 1.57 -15.24 -4.20
C GLY A 81 2.27 -16.02 -3.11
N VAL A 82 3.30 -15.42 -2.53
CA VAL A 82 4.01 -16.04 -1.44
C VAL A 82 3.21 -15.69 -0.21
N GLU A 83 2.74 -16.70 0.51
CA GLU A 83 1.95 -16.48 1.69
C GLU A 83 2.82 -16.44 2.95
N ILE A 84 2.56 -15.47 3.83
CA ILE A 84 3.28 -15.35 5.09
C ILE A 84 2.17 -15.46 6.12
N LYS A 85 1.85 -16.71 6.45
CA LYS A 85 0.78 -17.04 7.38
C LYS A 85 1.28 -17.50 8.73
N GLU A 86 0.73 -16.90 9.79
CA GLU A 86 1.10 -17.24 11.15
C GLU A 86 2.60 -17.29 11.41
N PHE A 87 3.30 -16.27 10.92
CA PHE A 87 4.74 -16.15 11.13
C PHE A 87 4.85 -14.89 11.94
N THR A 88 5.15 -15.05 13.23
CA THR A 88 5.23 -13.94 14.17
C THR A 88 6.58 -13.68 14.81
N LYS A 89 7.60 -14.45 14.44
CA LYS A 89 8.93 -14.27 15.02
C LYS A 89 9.60 -13.01 14.51
N GLY A 90 9.12 -12.50 13.38
CA GLY A 90 9.70 -11.31 12.79
C GLY A 90 10.28 -11.77 11.47
N ILE A 91 9.83 -11.16 10.37
CA ILE A 91 10.33 -11.53 9.07
C ILE A 91 10.38 -10.35 8.12
N THR A 92 11.42 -10.34 7.29
CA THR A 92 11.59 -9.30 6.31
C THR A 92 11.84 -9.90 4.94
N ILE A 93 11.11 -9.43 3.95
CA ILE A 93 11.32 -9.85 2.59
C ILE A 93 11.82 -8.58 1.90
N ILE A 94 13.09 -8.60 1.51
CA ILE A 94 13.70 -7.48 0.83
C ILE A 94 14.30 -7.91 -0.49
N GLY A 95 13.88 -7.25 -1.57
CA GLY A 95 14.39 -7.56 -2.88
C GLY A 95 15.75 -6.93 -3.07
N ALA A 96 16.61 -7.58 -3.82
CA ALA A 96 17.93 -7.03 -4.09
C ALA A 96 17.69 -6.09 -5.26
N ASN A 97 18.58 -5.12 -5.43
CA ASN A 97 18.43 -4.18 -6.54
C ASN A 97 18.43 -4.98 -7.83
N GLY A 98 17.52 -4.66 -8.75
CA GLY A 98 17.46 -5.39 -10.00
C GLY A 98 16.49 -6.58 -9.97
N SER A 99 16.01 -6.95 -8.79
CA SER A 99 15.08 -8.06 -8.67
C SER A 99 13.67 -7.63 -9.04
N SER A 100 12.83 -8.59 -9.41
CA SER A 100 11.45 -8.28 -9.76
C SER A 100 10.62 -9.53 -9.62
N ALA A 101 9.31 -9.36 -9.54
CA ALA A 101 8.41 -10.48 -9.37
C ALA A 101 7.08 -10.32 -10.07
N ASN A 102 6.57 -11.43 -10.59
CA ASN A 102 5.27 -11.48 -11.25
C ASN A 102 4.37 -12.33 -10.32
N PHE A 103 4.61 -12.17 -9.02
CA PHE A 103 3.85 -12.84 -7.95
C PHE A 103 3.76 -11.84 -6.80
N GLY A 104 2.77 -11.99 -5.93
CA GLY A 104 2.63 -11.09 -4.81
C GLY A 104 3.01 -11.67 -3.47
N ILE A 105 2.85 -10.88 -2.40
CA ILE A 105 3.15 -11.32 -1.05
C ILE A 105 1.87 -11.16 -0.24
N TRP A 106 1.36 -12.27 0.28
CA TRP A 106 0.11 -12.30 1.04
C TRP A 106 0.35 -12.56 2.51
N ILE A 107 0.24 -11.50 3.32
CA ILE A 107 0.45 -11.58 4.76
C ILE A 107 -0.87 -11.87 5.45
N LYS A 108 -0.91 -12.97 6.20
CA LYS A 108 -2.13 -13.42 6.88
C LYS A 108 -1.86 -13.88 8.29
N LYS A 109 -2.64 -13.37 9.24
CA LYS A 109 -2.51 -13.73 10.64
C LYS A 109 -1.06 -13.77 11.12
N SER A 110 -0.28 -12.79 10.69
CA SER A 110 1.10 -12.68 11.08
C SER A 110 1.32 -11.33 11.75
N SER A 111 2.56 -11.00 12.07
CA SER A 111 2.88 -9.73 12.70
C SER A 111 4.40 -9.54 12.65
N ASP A 112 4.84 -8.29 12.63
CA ASP A 112 6.25 -7.94 12.55
C ASP A 112 6.82 -8.42 11.22
N VAL A 113 6.17 -7.96 10.15
CA VAL A 113 6.55 -8.30 8.78
C VAL A 113 6.92 -7.02 8.04
N VAL A 114 7.99 -7.08 7.26
CA VAL A 114 8.45 -5.94 6.47
C VAL A 114 8.71 -6.39 5.03
N VAL A 115 8.21 -5.64 4.06
CA VAL A 115 8.43 -5.93 2.66
C VAL A 115 9.07 -4.67 2.06
N GLN A 116 10.32 -4.79 1.62
CA GLN A 116 11.07 -3.67 1.06
C GLN A 116 11.77 -3.99 -0.25
N ASN A 117 11.91 -2.95 -1.07
CA ASN A 117 12.60 -3.02 -2.35
C ASN A 117 12.12 -4.09 -3.34
N MET A 118 10.82 -4.38 -3.32
CA MET A 118 10.25 -5.37 -4.22
C MET A 118 9.57 -4.69 -5.41
N ARG A 119 9.93 -5.12 -6.62
CA ARG A 119 9.34 -4.56 -7.83
C ARG A 119 8.35 -5.60 -8.34
N ILE A 120 7.06 -5.36 -8.05
CA ILE A 120 5.98 -6.27 -8.41
C ILE A 120 5.04 -5.64 -9.41
N GLY A 121 4.79 -6.32 -10.53
CA GLY A 121 3.90 -5.75 -11.54
C GLY A 121 3.10 -6.70 -12.40
N TYR A 122 1.98 -6.20 -12.95
CA TYR A 122 1.08 -6.95 -13.85
C TYR A 122 0.80 -8.41 -13.40
N LEU A 123 0.31 -8.58 -12.18
CA LEU A 123 0.04 -9.92 -11.65
C LEU A 123 -1.18 -10.60 -12.26
N PRO A 124 -1.07 -11.92 -12.48
CA PRO A 124 -2.20 -12.66 -13.04
C PRO A 124 -3.22 -12.94 -11.95
N GLY A 125 -4.42 -13.35 -12.34
CA GLY A 125 -5.44 -13.70 -11.37
C GLY A 125 -6.23 -12.61 -10.68
N GLY A 126 -6.57 -11.54 -11.38
CA GLY A 126 -7.34 -10.47 -10.78
C GLY A 126 -8.70 -10.98 -10.36
N ALA A 127 -9.21 -11.99 -11.06
CA ALA A 127 -10.53 -12.56 -10.75
C ALA A 127 -10.49 -13.47 -9.54
N LYS A 128 -9.29 -13.79 -9.06
CA LYS A 128 -9.13 -14.66 -7.90
C LYS A 128 -8.16 -14.12 -6.84
N ASP A 129 -8.29 -12.83 -6.53
CA ASP A 129 -7.49 -12.14 -5.51
C ASP A 129 -5.98 -12.06 -5.71
N GLY A 130 -5.55 -11.88 -6.95
CA GLY A 130 -4.12 -11.79 -7.24
C GLY A 130 -3.48 -10.46 -6.85
N ASP A 131 -3.43 -10.19 -5.55
CA ASP A 131 -2.86 -8.94 -5.02
C ASP A 131 -1.34 -8.91 -5.05
N MET A 132 -0.78 -7.70 -5.15
CA MET A 132 0.68 -7.53 -5.14
C MET A 132 1.12 -7.61 -3.69
N ILE A 133 0.33 -7.00 -2.80
CA ILE A 133 0.60 -7.05 -1.37
C ILE A 133 -0.75 -7.12 -0.67
N ARG A 134 -0.86 -8.06 0.27
CA ARG A 134 -2.09 -8.20 1.04
C ARG A 134 -1.70 -8.29 2.51
N VAL A 135 -2.41 -7.55 3.36
CA VAL A 135 -2.15 -7.56 4.79
C VAL A 135 -3.51 -7.89 5.42
N ASP A 136 -3.64 -9.12 5.88
CA ASP A 136 -4.89 -9.61 6.45
C ASP A 136 -4.68 -10.09 7.88
N ASP A 137 -5.45 -9.52 8.82
CA ASP A 137 -5.34 -9.85 10.25
C ASP A 137 -3.91 -9.78 10.73
N SER A 138 -3.15 -8.84 10.19
CA SER A 138 -1.75 -8.70 10.54
C SER A 138 -1.31 -7.31 10.98
N PRO A 139 -1.08 -7.11 12.30
CA PRO A 139 -0.64 -5.83 12.86
C PRO A 139 0.88 -5.69 12.81
N ASN A 140 1.34 -4.45 12.91
CA ASN A 140 2.76 -4.12 12.85
C ASN A 140 3.41 -4.61 11.59
N VAL A 141 2.85 -4.20 10.46
CA VAL A 141 3.40 -4.56 9.16
C VAL A 141 3.87 -3.29 8.46
N TRP A 142 5.06 -3.35 7.86
CA TRP A 142 5.63 -2.20 7.16
C TRP A 142 5.86 -2.57 5.70
N VAL A 143 5.15 -1.91 4.80
CA VAL A 143 5.27 -2.12 3.36
C VAL A 143 5.98 -0.86 2.88
N ASP A 144 7.30 -0.98 2.70
CA ASP A 144 8.13 0.16 2.37
C ASP A 144 9.05 0.04 1.14
N HIS A 145 9.21 1.14 0.41
CA HIS A 145 10.11 1.19 -0.74
C HIS A 145 9.93 0.14 -1.83
N ASN A 146 8.69 -0.10 -2.25
CA ASN A 146 8.38 -1.08 -3.30
C ASN A 146 7.84 -0.36 -4.54
N GLU A 147 7.82 -1.05 -5.66
CA GLU A 147 7.26 -0.49 -6.90
C GLU A 147 6.17 -1.48 -7.26
N LEU A 148 4.92 -1.03 -7.14
CA LEU A 148 3.74 -1.86 -7.39
C LEU A 148 3.04 -1.27 -8.60
N PHE A 149 2.92 -2.06 -9.68
CA PHE A 149 2.36 -1.52 -10.92
C PHE A 149 1.67 -2.50 -11.86
N ALA A 150 0.88 -1.97 -12.77
CA ALA A 150 0.17 -2.77 -13.76
C ALA A 150 -0.31 -1.74 -14.76
N ALA A 151 -1.52 -1.92 -15.28
CA ALA A 151 -2.12 -0.94 -16.18
C ALA A 151 -3.40 -0.45 -15.51
N ASN A 152 -3.60 0.86 -15.45
CA ASN A 152 -4.81 1.44 -14.87
C ASN A 152 -5.81 1.35 -16.02
N HIS A 153 -6.38 0.17 -16.16
CA HIS A 153 -7.29 -0.11 -17.26
C HIS A 153 -8.21 -1.26 -16.90
N GLU A 154 -9.42 -1.23 -17.46
CA GLU A 154 -10.39 -2.27 -17.23
C GLU A 154 -10.74 -2.92 -18.55
N CYS A 155 -10.36 -4.18 -18.68
CA CYS A 155 -10.66 -4.98 -19.85
C CYS A 155 -12.12 -5.40 -19.76
N ASP A 156 -12.73 -5.66 -20.91
CA ASP A 156 -14.13 -6.07 -20.93
C ASP A 156 -14.31 -7.53 -20.55
N GLY A 157 -15.47 -7.83 -19.97
CA GLY A 157 -15.81 -9.19 -19.61
C GLY A 157 -15.20 -9.78 -18.37
N THR A 158 -14.69 -8.97 -17.46
CA THR A 158 -14.10 -9.51 -16.24
C THR A 158 -15.19 -9.60 -15.17
N PRO A 159 -15.06 -10.56 -14.23
CA PRO A 159 -16.04 -10.73 -13.15
C PRO A 159 -16.23 -9.43 -12.37
N ASP A 160 -17.49 -9.06 -12.13
CA ASP A 160 -17.87 -7.82 -11.42
C ASP A 160 -17.41 -6.56 -12.16
N ASN A 161 -16.95 -6.75 -13.39
CA ASN A 161 -16.45 -5.67 -14.25
C ASN A 161 -15.35 -4.83 -13.59
N ASP A 162 -14.50 -5.46 -12.80
CA ASP A 162 -13.43 -4.74 -12.11
C ASP A 162 -12.23 -5.60 -11.73
N THR A 163 -12.15 -6.82 -12.27
CA THR A 163 -11.07 -7.72 -11.90
C THR A 163 -9.93 -7.89 -12.90
N THR A 164 -9.73 -6.91 -13.77
CA THR A 164 -8.63 -6.96 -14.75
C THR A 164 -7.32 -7.17 -13.99
N PHE A 165 -7.20 -6.49 -12.86
CA PHE A 165 -6.04 -6.61 -11.97
C PHE A 165 -6.57 -6.38 -10.55
N GLU A 166 -5.90 -6.96 -9.57
CA GLU A 166 -6.29 -6.73 -8.18
C GLU A 166 -5.41 -5.62 -7.64
N SER A 167 -5.31 -5.53 -6.32
CA SER A 167 -4.60 -4.43 -5.67
C SER A 167 -3.09 -4.34 -5.58
N ALA A 168 -2.65 -3.15 -5.15
CA ALA A 168 -1.25 -2.84 -4.91
C ALA A 168 -1.01 -3.21 -3.45
N VAL A 169 -1.85 -2.73 -2.54
CA VAL A 169 -1.71 -3.03 -1.11
C VAL A 169 -3.06 -3.12 -0.40
N ASP A 170 -3.71 -4.29 -0.42
CA ASP A 170 -4.99 -4.44 0.29
C ASP A 170 -4.74 -4.76 1.76
N ILE A 171 -5.43 -4.03 2.63
CA ILE A 171 -5.32 -4.22 4.07
C ILE A 171 -6.73 -4.53 4.55
N LYS A 172 -6.89 -5.61 5.30
CA LYS A 172 -8.20 -6.01 5.78
C LYS A 172 -8.09 -6.73 7.12
N GLY A 173 -9.24 -6.96 7.74
CA GLY A 173 -9.25 -7.63 9.02
C GLY A 173 -8.57 -6.86 10.14
N ALA A 174 -8.06 -7.60 11.13
CA ALA A 174 -7.41 -7.01 12.28
C ALA A 174 -5.95 -6.65 12.09
N SER A 175 -5.63 -5.98 10.99
CA SER A 175 -4.27 -5.52 10.74
C SER A 175 -4.29 -4.15 11.42
N ASN A 176 -4.37 -4.20 12.75
CA ASN A 176 -4.49 -3.02 13.60
C ASN A 176 -3.54 -1.86 13.39
N THR A 177 -2.31 -2.15 13.00
CA THR A 177 -1.35 -1.08 12.75
C THR A 177 -0.52 -1.48 11.57
N VAL A 178 -0.52 -0.63 10.54
CA VAL A 178 0.26 -0.86 9.32
C VAL A 178 0.80 0.47 8.80
N THR A 179 2.01 0.44 8.25
CA THR A 179 2.61 1.63 7.65
C THR A 179 2.95 1.28 6.21
N VAL A 180 2.40 2.05 5.27
CA VAL A 180 2.66 1.88 3.85
C VAL A 180 3.42 3.14 3.47
N SER A 181 4.71 3.02 3.14
CA SER A 181 5.52 4.18 2.81
C SER A 181 6.52 4.03 1.68
N TYR A 182 6.85 5.17 1.07
CA TYR A 182 7.83 5.24 -0.01
C TYR A 182 7.63 4.29 -1.18
N ASN A 183 6.38 3.95 -1.47
CA ASN A 183 6.07 3.07 -2.56
C ASN A 183 5.74 3.85 -3.82
N TYR A 184 6.19 3.36 -4.96
CA TYR A 184 5.91 3.97 -6.26
C TYR A 184 4.83 3.07 -6.84
N ILE A 185 3.59 3.52 -6.76
CA ILE A 185 2.45 2.76 -7.24
C ILE A 185 1.91 3.43 -8.48
N HIS A 186 1.99 2.75 -9.61
CA HIS A 186 1.53 3.34 -10.85
C HIS A 186 0.80 2.38 -11.77
N GLY A 187 -0.16 2.90 -12.53
CA GLY A 187 -0.92 2.05 -13.43
C GLY A 187 -1.72 1.02 -12.67
N VAL A 188 -2.37 1.42 -11.58
CA VAL A 188 -3.17 0.50 -10.80
C VAL A 188 -4.59 1.03 -10.63
N LYS A 189 -5.57 0.19 -10.93
CA LYS A 189 -6.97 0.57 -10.84
C LYS A 189 -7.50 0.58 -9.41
N LYS A 190 -7.44 -0.55 -8.73
CA LYS A 190 -7.92 -0.64 -7.35
C LYS A 190 -6.69 -0.77 -6.46
N VAL A 191 -6.13 0.40 -6.12
CA VAL A 191 -4.91 0.48 -5.32
C VAL A 191 -4.84 -0.27 -4.00
N GLY A 192 -5.76 0.02 -3.08
CA GLY A 192 -5.70 -0.68 -1.82
C GLY A 192 -6.83 -0.42 -0.85
N LEU A 193 -7.37 -1.50 -0.31
CA LEU A 193 -8.43 -1.42 0.65
C LEU A 193 -7.86 -1.17 2.03
N ASP A 194 -8.74 -0.82 2.95
CA ASP A 194 -8.43 -0.59 4.35
C ASP A 194 -9.77 -0.99 4.94
N GLY A 195 -10.05 -2.30 4.84
CA GLY A 195 -11.29 -2.88 5.27
C GLY A 195 -11.89 -3.40 3.96
N SER A 196 -12.22 -4.69 3.90
CA SER A 196 -12.74 -5.30 2.68
C SER A 196 -14.23 -5.28 2.46
N SER A 197 -14.99 -4.99 3.52
CA SER A 197 -16.45 -4.89 3.45
C SER A 197 -16.91 -3.83 4.44
N SER A 198 -18.17 -3.42 4.31
CA SER A 198 -18.71 -2.38 5.19
C SER A 198 -18.57 -2.71 6.68
N SER A 199 -18.55 -4.00 7.02
CA SER A 199 -18.42 -4.43 8.41
C SER A 199 -16.97 -4.55 8.90
N ASP A 200 -16.03 -4.61 7.98
CA ASP A 200 -14.61 -4.72 8.33
C ASP A 200 -14.00 -3.33 8.59
N THR A 201 -14.41 -2.71 9.69
CA THR A 201 -13.96 -1.36 10.05
C THR A 201 -12.89 -1.34 11.12
N GLY A 202 -12.11 -0.26 11.17
CA GLY A 202 -11.07 -0.11 12.18
C GLY A 202 -9.67 0.07 11.63
N ARG A 203 -8.69 -0.26 12.46
CA ARG A 203 -7.27 -0.18 12.14
C ARG A 203 -6.74 1.26 12.12
N ASN A 204 -5.43 1.37 12.35
CA ASN A 204 -4.73 2.65 12.32
C ASN A 204 -3.65 2.47 11.27
N ILE A 205 -3.87 3.08 10.11
CA ILE A 205 -2.95 2.98 8.98
C ILE A 205 -2.30 4.31 8.64
N THR A 206 -1.03 4.25 8.26
CA THR A 206 -0.27 5.42 7.87
C THR A 206 0.26 5.24 6.45
N TYR A 207 -0.06 6.20 5.59
CA TYR A 207 0.42 6.20 4.21
C TYR A 207 1.31 7.44 4.11
N HIS A 208 2.61 7.24 3.94
CA HIS A 208 3.50 8.39 3.82
C HIS A 208 4.58 8.24 2.77
N HIS A 209 4.90 9.36 2.15
CA HIS A 209 5.92 9.44 1.12
C HIS A 209 5.72 8.45 -0.05
N ASN A 210 4.47 8.12 -0.34
CA ASN A 210 4.17 7.23 -1.46
C ASN A 210 3.95 8.09 -2.69
N TYR A 211 4.40 7.59 -3.85
CA TYR A 211 4.24 8.28 -5.11
C TYR A 211 3.24 7.49 -5.95
N TYR A 212 2.03 8.02 -6.08
CA TYR A 212 0.96 7.40 -6.88
C TYR A 212 0.84 8.14 -8.18
N ASN A 213 0.88 7.41 -9.30
CA ASN A 213 0.69 8.04 -10.60
C ASN A 213 -0.16 7.15 -11.49
N ASP A 214 -1.17 7.75 -12.11
CA ASP A 214 -2.06 7.03 -13.00
C ASP A 214 -2.69 5.84 -12.28
N VAL A 215 -3.48 6.18 -11.26
CA VAL A 215 -4.17 5.19 -10.46
C VAL A 215 -5.62 5.61 -10.48
N ASN A 216 -6.53 4.63 -10.37
CA ASN A 216 -7.94 4.95 -10.41
C ASN A 216 -8.61 5.33 -9.10
N ALA A 217 -8.54 4.43 -8.12
CA ALA A 217 -9.20 4.66 -6.85
C ALA A 217 -8.58 3.90 -5.70
N LYS A 218 -9.19 4.06 -4.53
CA LYS A 218 -8.80 3.42 -3.29
C LYS A 218 -7.40 3.78 -2.82
N LEU A 219 -7.25 5.04 -2.38
CA LEU A 219 -5.96 5.58 -1.94
C LEU A 219 -5.87 6.00 -0.48
N PRO A 220 -6.43 5.21 0.46
CA PRO A 220 -7.16 3.95 0.38
C PRO A 220 -8.68 4.08 0.41
N LEU A 221 -9.35 2.93 0.37
CA LEU A 221 -10.78 2.87 0.52
C LEU A 221 -10.77 2.56 2.02
N GLN A 222 -11.01 3.60 2.81
CA GLN A 222 -11.01 3.50 4.27
C GLN A 222 -12.37 3.20 4.90
N ARG A 223 -12.38 2.22 5.79
CA ARG A 223 -13.59 1.86 6.52
C ARG A 223 -13.30 1.90 8.02
N GLY A 224 -13.79 2.95 8.68
CA GLY A 224 -13.59 3.12 10.10
C GLY A 224 -12.14 3.41 10.44
N GLY A 225 -11.80 3.30 11.71
CA GLY A 225 -10.43 3.52 12.14
C GLY A 225 -9.84 4.88 11.81
N LEU A 226 -8.51 4.92 11.81
CA LEU A 226 -7.74 6.11 11.55
C LEU A 226 -6.79 5.91 10.39
N VAL A 227 -6.66 6.95 9.56
CA VAL A 227 -5.72 6.93 8.44
C VAL A 227 -4.95 8.24 8.48
N HIS A 228 -3.63 8.15 8.52
CA HIS A 228 -2.78 9.32 8.51
C HIS A 228 -2.03 9.29 7.18
N ALA A 229 -2.39 10.18 6.27
CA ALA A 229 -1.75 10.26 4.97
C ALA A 229 -0.91 11.56 4.91
N TYR A 230 0.41 11.43 4.83
CA TYR A 230 1.27 12.60 4.77
C TYR A 230 2.45 12.45 3.83
N ASN A 231 2.81 13.55 3.19
CA ASN A 231 3.93 13.61 2.26
C ASN A 231 3.85 12.71 1.04
N ASN A 232 2.62 12.43 0.58
CA ASN A 232 2.38 11.61 -0.60
C ASN A 232 2.25 12.51 -1.83
N LEU A 233 2.56 11.97 -3.00
CA LEU A 233 2.44 12.68 -4.28
C LEU A 233 1.36 11.96 -5.07
N TYR A 234 0.18 12.55 -5.15
CA TYR A 234 -0.92 11.96 -5.90
C TYR A 234 -1.05 12.68 -7.23
N THR A 235 -0.67 12.01 -8.31
CA THR A 235 -0.78 12.60 -9.64
C THR A 235 -1.56 11.66 -10.55
N ASN A 236 -2.35 12.24 -11.45
CA ASN A 236 -3.16 11.46 -12.38
C ASN A 236 -4.09 10.41 -11.76
N ILE A 237 -4.93 10.86 -10.83
CA ILE A 237 -5.92 9.99 -10.18
C ILE A 237 -7.15 10.09 -11.10
N THR A 238 -7.52 8.96 -11.70
CA THR A 238 -8.62 8.94 -12.65
C THR A 238 -10.01 8.64 -12.12
N GLY A 239 -10.11 8.25 -10.86
CA GLY A 239 -11.42 7.93 -10.28
C GLY A 239 -11.73 8.69 -9.01
N SER A 240 -10.98 8.38 -7.96
CA SER A 240 -11.12 9.02 -6.65
C SER A 240 -9.84 8.77 -5.84
N GLY A 241 -9.60 9.54 -4.79
CA GLY A 241 -8.40 9.36 -3.99
C GLY A 241 -8.71 8.72 -2.66
N LEU A 242 -8.50 9.48 -1.58
CA LEU A 242 -8.81 8.97 -0.25
C LEU A 242 -10.33 8.99 -0.10
N ASN A 243 -10.91 7.81 0.11
CA ASN A 243 -12.34 7.64 0.26
C ASN A 243 -12.57 7.21 1.71
N VAL A 244 -12.94 8.17 2.55
CA VAL A 244 -13.14 7.95 3.98
C VAL A 244 -14.56 7.52 4.27
N ARG A 245 -14.72 6.22 4.54
CA ARG A 245 -16.03 5.63 4.79
C ARG A 245 -16.23 4.99 6.15
N GLN A 246 -17.46 4.59 6.42
CA GLN A 246 -17.87 3.95 7.68
C GLN A 246 -17.33 4.67 8.93
N ASN A 247 -17.54 5.98 8.96
CA ASN A 247 -17.12 6.83 10.08
C ASN A 247 -15.63 6.85 10.39
N GLY A 248 -14.80 6.52 9.40
CA GLY A 248 -13.37 6.57 9.63
C GLY A 248 -12.95 8.03 9.74
N GLN A 249 -11.75 8.26 10.27
CA GLN A 249 -11.21 9.60 10.42
C GLN A 249 -9.85 9.64 9.74
N ALA A 250 -9.60 10.69 8.95
CA ALA A 250 -8.34 10.82 8.26
C ALA A 250 -7.68 12.16 8.54
N LEU A 251 -6.34 12.16 8.54
CA LEU A 251 -5.51 13.34 8.72
C LEU A 251 -4.71 13.35 7.43
N ILE A 252 -5.03 14.31 6.56
CA ILE A 252 -4.40 14.43 5.26
C ILE A 252 -3.48 15.64 5.31
N GLU A 253 -2.20 15.37 5.53
CA GLU A 253 -1.23 16.41 5.73
C GLU A 253 0.02 16.46 4.86
N ASN A 254 0.28 17.66 4.33
CA ASN A 254 1.47 17.91 3.52
C ASN A 254 1.64 17.01 2.29
N ASN A 255 0.56 16.80 1.56
CA ASN A 255 0.56 15.99 0.34
C ASN A 255 0.46 16.90 -0.89
N TRP A 256 0.78 16.35 -2.05
CA TRP A 256 0.68 17.11 -3.30
C TRP A 256 -0.31 16.40 -4.23
N PHE A 257 -1.45 17.05 -4.50
CA PHE A 257 -2.47 16.49 -5.39
C PHE A 257 -2.39 17.23 -6.70
N GLU A 258 -2.52 16.50 -7.81
CA GLU A 258 -2.44 17.14 -9.12
C GLU A 258 -3.04 16.24 -10.17
N LYS A 259 -3.82 16.84 -11.07
CA LYS A 259 -4.52 16.11 -12.12
C LYS A 259 -5.21 14.95 -11.44
N ALA A 260 -6.10 15.29 -10.51
CA ALA A 260 -6.83 14.28 -9.75
C ALA A 260 -8.32 14.57 -9.71
N ILE A 261 -9.12 13.51 -9.78
CA ILE A 261 -10.57 13.58 -9.72
C ILE A 261 -11.00 13.03 -8.36
N ASN A 262 -11.83 13.79 -7.63
CA ASN A 262 -12.32 13.40 -6.30
C ASN A 262 -11.19 12.95 -5.38
N PRO A 263 -10.14 13.79 -5.20
CA PRO A 263 -8.97 13.48 -4.35
C PRO A 263 -9.29 13.06 -2.92
N VAL A 264 -10.26 13.74 -2.30
CA VAL A 264 -10.67 13.44 -0.94
C VAL A 264 -12.19 13.38 -0.99
N THR A 265 -12.74 12.21 -0.67
CA THR A 265 -14.17 12.02 -0.78
C THR A 265 -14.67 10.95 0.20
N SER A 266 -15.97 10.74 0.18
CA SER A 266 -16.65 9.74 0.99
C SER A 266 -17.82 9.33 0.10
N ARG A 267 -17.64 8.27 -0.67
CA ARG A 267 -18.68 7.83 -1.59
C ARG A 267 -18.82 6.32 -1.71
N TYR A 268 -19.92 5.92 -2.36
CA TYR A 268 -20.30 4.54 -2.67
C TYR A 268 -21.08 3.80 -1.61
N ASP A 269 -21.29 4.44 -0.46
CA ASP A 269 -22.08 3.83 0.62
C ASP A 269 -23.44 4.50 0.79
N GLY A 270 -23.48 5.82 0.64
CA GLY A 270 -24.73 6.55 0.80
C GLY A 270 -25.01 6.98 2.24
N LYS A 271 -24.11 6.64 3.17
CA LYS A 271 -24.26 7.00 4.57
C LYS A 271 -22.98 6.74 5.33
N ASN A 272 -22.99 7.08 6.61
CA ASN A 272 -21.84 6.91 7.50
C ASN A 272 -20.55 7.52 6.95
N PHE A 273 -20.66 8.75 6.46
CA PHE A 273 -19.53 9.45 5.91
C PHE A 273 -18.42 9.63 6.93
N GLY A 274 -17.17 9.38 6.52
CA GLY A 274 -16.06 9.57 7.43
C GLY A 274 -15.68 11.06 7.41
N THR A 275 -14.63 11.42 8.14
CA THR A 275 -14.20 12.81 8.18
C THR A 275 -12.73 12.95 7.80
N TRP A 276 -12.31 14.18 7.57
CA TRP A 276 -10.94 14.50 7.24
C TRP A 276 -10.48 15.83 7.82
N VAL A 277 -9.22 15.86 8.23
CA VAL A 277 -8.58 17.06 8.74
C VAL A 277 -7.53 17.34 7.67
N LEU A 278 -7.64 18.50 7.03
CA LEU A 278 -6.73 18.89 5.98
C LEU A 278 -5.75 19.96 6.47
N LYS A 279 -4.47 19.81 6.14
CA LYS A 279 -3.47 20.81 6.53
C LYS A 279 -2.15 20.70 5.78
N GLY A 280 -1.67 21.84 5.27
CA GLY A 280 -0.40 21.88 4.57
C GLY A 280 -0.27 21.22 3.21
N ASN A 281 -1.37 20.82 2.60
CA ASN A 281 -1.32 20.21 1.28
C ASN A 281 -1.08 21.33 0.27
N ASN A 282 -0.65 20.99 -0.95
CA ASN A 282 -0.42 22.03 -1.95
C ASN A 282 -1.75 22.78 -2.16
N ILE A 283 -2.86 22.07 -2.00
CA ILE A 283 -4.19 22.66 -2.12
C ILE A 283 -4.52 23.17 -0.72
N THR A 284 -4.86 24.45 -0.61
CA THR A 284 -5.21 25.03 0.67
C THR A 284 -6.65 25.51 0.65
N LYS A 285 -7.14 25.85 -0.53
CA LYS A 285 -8.50 26.35 -0.71
C LYS A 285 -9.00 25.96 -2.08
N PRO A 286 -10.33 26.01 -2.29
CA PRO A 286 -10.96 25.67 -3.57
C PRO A 286 -10.41 26.40 -4.78
N ALA A 287 -9.87 27.60 -4.58
CA ALA A 287 -9.29 28.37 -5.67
C ALA A 287 -8.08 27.67 -6.27
N ASP A 288 -7.45 26.80 -5.49
CA ASP A 288 -6.27 26.06 -5.92
C ASP A 288 -6.61 24.87 -6.83
N PHE A 289 -7.89 24.50 -6.89
CA PHE A 289 -8.31 23.37 -7.73
C PHE A 289 -7.91 23.54 -9.19
N SER A 290 -8.25 24.68 -9.79
CA SER A 290 -7.92 24.92 -11.19
C SER A 290 -6.42 24.89 -11.43
N THR A 291 -5.69 25.48 -10.49
CA THR A 291 -4.23 25.53 -10.55
C THR A 291 -3.60 24.13 -10.61
N TYR A 292 -4.17 23.19 -9.85
CA TYR A 292 -3.64 21.82 -9.81
C TYR A 292 -4.48 20.79 -10.55
N SER A 293 -5.38 21.24 -11.41
CA SER A 293 -6.25 20.35 -12.17
C SER A 293 -7.01 19.35 -11.29
N ILE A 294 -7.71 19.88 -10.30
CA ILE A 294 -8.49 19.08 -9.37
C ILE A 294 -9.95 19.23 -9.76
N THR A 295 -10.61 18.13 -10.09
CA THR A 295 -12.02 18.15 -10.47
C THR A 295 -12.85 17.28 -9.54
N TRP A 296 -14.16 17.49 -9.58
CA TRP A 296 -15.07 16.76 -8.71
C TRP A 296 -16.27 16.27 -9.50
N THR A 297 -16.79 15.12 -9.10
CA THR A 297 -17.96 14.54 -9.73
C THR A 297 -18.88 14.09 -8.63
N ALA A 298 -20.11 13.78 -9.00
CA ALA A 298 -21.10 13.30 -8.05
C ALA A 298 -21.15 11.77 -8.06
N ASP A 299 -22.15 11.24 -7.37
CA ASP A 299 -22.38 9.81 -7.33
C ASP A 299 -23.90 9.61 -7.25
N THR A 300 -24.36 8.41 -7.58
CA THR A 300 -25.79 8.11 -7.53
C THR A 300 -26.32 7.94 -6.10
N LYS A 301 -25.42 7.71 -5.16
CA LYS A 301 -25.79 7.57 -3.75
C LYS A 301 -25.26 8.81 -3.04
N PRO A 302 -25.85 9.18 -1.89
CA PRO A 302 -25.38 10.36 -1.16
C PRO A 302 -23.88 10.24 -0.92
N TYR A 303 -23.20 11.36 -1.02
CA TYR A 303 -21.76 11.38 -0.84
C TYR A 303 -21.31 12.75 -0.32
N VAL A 304 -20.04 12.85 0.04
CA VAL A 304 -19.45 14.12 0.51
C VAL A 304 -18.08 14.27 -0.14
N ASN A 305 -17.87 15.38 -0.83
CA ASN A 305 -16.60 15.69 -1.47
C ASN A 305 -15.89 16.79 -0.68
N ALA A 306 -14.56 16.83 -0.74
CA ALA A 306 -13.83 17.88 -0.04
C ALA A 306 -13.73 19.10 -0.97
N ASP A 307 -14.83 19.45 -1.63
CA ASP A 307 -14.84 20.58 -2.54
C ASP A 307 -14.78 21.98 -1.90
N SER A 308 -14.98 22.05 -0.59
CA SER A 308 -14.86 23.31 0.15
C SER A 308 -13.44 23.30 0.72
N TRP A 309 -12.80 22.14 0.62
CA TRP A 309 -11.45 21.89 1.12
C TRP A 309 -11.27 22.38 2.55
N THR A 310 -12.14 21.91 3.44
CA THR A 310 -12.08 22.27 4.85
C THR A 310 -12.22 20.99 5.66
N SER A 311 -11.71 20.99 6.89
CA SER A 311 -11.82 19.83 7.74
C SER A 311 -13.28 19.58 8.06
N THR A 312 -13.69 18.32 8.03
CA THR A 312 -15.08 17.95 8.31
C THR A 312 -15.24 17.27 9.66
N GLY A 313 -14.14 17.19 10.41
CA GLY A 313 -14.16 16.58 11.72
C GLY A 313 -12.82 16.78 12.37
N THR A 314 -12.51 15.92 13.34
CA THR A 314 -11.25 15.97 14.06
C THR A 314 -10.41 14.70 13.82
N PHE A 315 -9.24 14.66 14.44
CA PHE A 315 -8.35 13.52 14.34
C PHE A 315 -7.57 13.48 15.63
N PRO A 316 -7.36 12.28 16.20
CA PRO A 316 -6.61 12.11 17.46
C PRO A 316 -5.15 12.52 17.34
N THR A 317 -4.53 12.85 18.47
CA THR A 317 -3.13 13.23 18.48
C THR A 317 -2.33 12.07 17.87
N VAL A 318 -1.51 12.38 16.87
CA VAL A 318 -0.70 11.35 16.22
C VAL A 318 0.28 10.79 17.24
N ALA A 319 0.15 9.49 17.47
CA ALA A 319 0.97 8.76 18.44
C ALA A 319 2.49 8.79 18.22
N TYR A 320 2.90 8.36 17.04
CA TYR A 320 4.31 8.27 16.67
C TYR A 320 4.98 9.57 16.26
N ASN A 321 6.30 9.47 16.11
CA ASN A 321 7.15 10.60 15.70
C ASN A 321 7.25 10.63 14.20
N TYR A 322 7.19 11.84 13.66
CA TYR A 322 7.31 12.04 12.23
C TYR A 322 7.60 13.51 12.00
N SER A 323 8.29 13.78 10.90
CA SER A 323 8.65 15.15 10.52
C SER A 323 8.44 15.28 9.03
N PRO A 324 7.26 15.75 8.63
CA PRO A 324 6.93 15.93 7.22
C PRO A 324 7.63 17.12 6.59
N VAL A 325 8.00 16.99 5.33
CA VAL A 325 8.60 18.09 4.62
C VAL A 325 7.39 18.82 4.02
N SER A 326 7.66 19.90 3.27
CA SER A 326 6.58 20.67 2.64
C SER A 326 6.01 19.93 1.44
N ALA A 327 4.79 20.30 1.03
CA ALA A 327 4.15 19.69 -0.12
C ALA A 327 4.96 19.96 -1.39
N GLN A 328 5.67 21.08 -1.42
CA GLN A 328 6.49 21.42 -2.59
C GLN A 328 7.69 20.49 -2.70
N CYS A 329 8.33 20.23 -1.57
CA CYS A 329 9.49 19.34 -1.51
C CYS A 329 9.12 17.94 -1.94
N VAL A 330 7.88 17.55 -1.64
CA VAL A 330 7.36 16.23 -2.02
C VAL A 330 7.33 16.20 -3.54
N LYS A 331 6.66 17.19 -4.13
CA LYS A 331 6.57 17.32 -5.58
C LYS A 331 7.95 17.32 -6.22
N ASP A 332 8.86 18.07 -5.62
CA ASP A 332 10.22 18.21 -6.14
C ASP A 332 11.15 17.01 -5.93
N LYS A 333 11.11 16.44 -4.73
CA LYS A 333 12.00 15.36 -4.35
C LYS A 333 11.52 13.93 -4.24
N LEU A 334 10.27 13.73 -3.83
CA LEU A 334 9.77 12.36 -3.63
C LEU A 334 10.10 11.31 -4.70
N PRO A 335 9.93 11.63 -5.99
CA PRO A 335 10.25 10.65 -7.03
C PRO A 335 11.65 10.01 -6.94
N GLY A 336 12.56 10.67 -6.22
CA GLY A 336 13.91 10.15 -6.08
C GLY A 336 14.13 9.26 -4.86
N TYR A 337 13.13 9.21 -3.98
CA TYR A 337 13.22 8.40 -2.77
C TYR A 337 12.21 7.24 -2.76
N ALA A 338 11.12 7.42 -3.50
CA ALA A 338 10.06 6.41 -3.59
C ALA A 338 10.42 5.28 -4.54
N GLY A 339 9.94 4.08 -4.23
CA GLY A 339 10.22 2.93 -5.08
C GLY A 339 11.46 2.13 -4.77
N VAL A 340 11.85 1.31 -5.74
CA VAL A 340 13.01 0.42 -5.60
C VAL A 340 14.30 1.02 -6.12
N GLY A 341 15.42 0.45 -5.66
CA GLY A 341 16.74 0.90 -6.08
C GLY A 341 17.15 2.24 -5.49
N LYS A 342 16.45 2.69 -4.45
CA LYS A 342 16.74 3.97 -3.81
C LYS A 342 17.48 3.75 -2.50
N ASN A 343 17.85 2.50 -2.27
CA ASN A 343 18.56 2.08 -1.07
C ASN A 343 17.82 2.49 0.21
N LEU A 344 16.50 2.42 0.13
CA LEU A 344 15.60 2.74 1.23
C LEU A 344 15.79 4.15 1.78
N ALA A 345 16.21 5.05 0.89
CA ALA A 345 16.45 6.45 1.21
C ALA A 345 15.17 7.18 1.64
N THR A 346 15.28 7.99 2.69
CA THR A 346 14.15 8.77 3.18
C THR A 346 14.33 10.25 2.89
N LEU A 347 13.21 10.95 2.67
CA LEU A 347 13.21 12.37 2.37
C LEU A 347 13.05 13.17 3.66
N THR A 348 14.05 14.01 3.94
CA THR A 348 14.03 14.86 5.13
C THR A 348 14.12 16.32 4.69
N SER A 349 13.78 17.24 5.60
CA SER A 349 13.81 18.67 5.32
C SER A 349 15.14 19.20 4.77
N THR A 350 16.25 18.62 5.22
CA THR A 350 17.58 19.03 4.77
C THR A 350 17.83 18.74 3.29
N ALA A 351 17.07 17.80 2.75
CA ALA A 351 17.21 17.41 1.35
C ALA A 351 16.27 18.18 0.43
N CYS A 352 15.51 19.11 0.99
CA CYS A 352 14.56 19.88 0.20
C CYS A 352 15.12 21.06 -0.59
#